data_5YIS
#
_entry.id   5YIS
#
_cell.length_a   61.802
_cell.length_b   66.866
_cell.length_c   74.148
_cell.angle_alpha   90.000
_cell.angle_beta   90.000
_cell.angle_gamma   90.000
#
_symmetry.space_group_name_H-M   'P 21 21 21'
#
loop_
_entity.id
_entity.type
_entity.pdbx_description
1 polymer 'Microtubule-associated proteins 1A/1B light chain 3B'
2 polymer Ankyrin-2
3 non-polymer GLYCEROL
4 non-polymer 'PHOSPHATE ION'
5 water water
#
loop_
_entity_poly.entity_id
_entity_poly.type
_entity_poly.pdbx_seq_one_letter_code
_entity_poly.pdbx_strand_id
1 'polypeptide(L)'
;MPSEKTFKQRRSFEQRVEDVRLIREQHPTKIPVIIERYKGEKQLPVLDKTKFLVPDHVNMSELIKIIRRRLQLNANQAFF
LLVNGHSMVSVSTPISEVYESERDEDGFLYMVYASQETFGTAMAV
;
A,B
2 'polypeptide(L)' VEEEWVIVSDEEIEEARQKAPLEITEY D,C
#
# COMPACT_ATOMS: atom_id res chain seq x y z
N LYS A 5 -19.73 -16.60 -20.26
CA LYS A 5 -19.94 -17.03 -18.88
C LYS A 5 -18.89 -16.45 -17.92
N THR A 6 -19.31 -15.71 -16.90
CA THR A 6 -18.39 -15.12 -15.94
C THR A 6 -17.87 -16.17 -14.97
N PHE A 7 -16.95 -15.76 -14.09
CA PHE A 7 -16.46 -16.65 -13.05
C PHE A 7 -17.59 -17.16 -12.16
N LYS A 8 -18.51 -16.28 -11.75
CA LYS A 8 -19.65 -16.70 -10.96
C LYS A 8 -20.54 -17.65 -11.72
N GLN A 9 -20.56 -17.53 -13.04
CA GLN A 9 -21.45 -18.37 -13.84
C GLN A 9 -20.88 -19.76 -14.09
N ARG A 10 -19.56 -19.93 -14.06
CA ARG A 10 -18.96 -21.20 -14.43
C ARG A 10 -18.39 -21.98 -13.26
N ARG A 11 -18.52 -21.44 -12.04
CA ARG A 11 -18.03 -22.07 -10.82
C ARG A 11 -19.10 -21.97 -9.76
N SER A 12 -19.51 -23.13 -9.23
CA SER A 12 -20.59 -23.14 -8.24
C SER A 12 -20.20 -22.36 -7.00
N PHE A 13 -21.23 -21.92 -6.27
CA PHE A 13 -21.04 -21.21 -5.00
C PHE A 13 -20.20 -22.03 -4.04
N GLU A 14 -20.56 -23.29 -3.89
CA GLU A 14 -19.84 -24.16 -2.98
C GLU A 14 -18.37 -24.26 -3.36
N GLN A 15 -18.08 -24.41 -4.66
CA GLN A 15 -16.69 -24.43 -5.10
C GLN A 15 -15.99 -23.10 -4.83
N ARG A 16 -16.70 -21.98 -4.97
CA ARG A 16 -16.04 -20.70 -4.78
C ARG A 16 -15.71 -20.48 -3.31
N VAL A 17 -16.63 -20.88 -2.43
CA VAL A 17 -16.35 -20.85 -0.99
C VAL A 17 -15.09 -21.65 -0.68
N GLU A 18 -14.96 -22.82 -1.30
CA GLU A 18 -13.78 -23.65 -1.10
C GLU A 18 -12.51 -22.96 -1.61
N ASP A 19 -12.59 -22.35 -2.80
CA ASP A 19 -11.48 -21.58 -3.37
C ASP A 19 -10.97 -20.52 -2.41
N VAL A 20 -11.89 -19.70 -1.87
CA VAL A 20 -11.50 -18.66 -0.92
C VAL A 20 -10.75 -19.29 0.25
N ARG A 21 -11.28 -20.41 0.74
CA ARG A 21 -10.67 -21.09 1.87
C ARG A 21 -9.27 -21.59 1.51
N LEU A 22 -9.10 -22.17 0.32
CA LEU A 22 -7.78 -22.61 -0.11
C LEU A 22 -6.80 -21.45 -0.21
N ILE A 23 -7.25 -20.33 -0.78
CA ILE A 23 -6.39 -19.18 -0.94
C ILE A 23 -5.93 -18.66 0.42
N ARG A 24 -6.85 -18.59 1.39
CA ARG A 24 -6.54 -18.02 2.70
C ARG A 24 -5.59 -18.92 3.49
N GLU A 25 -5.63 -20.23 3.26
CA GLU A 25 -4.66 -21.12 3.90
C GLU A 25 -3.25 -20.79 3.43
N GLN A 26 -3.07 -20.46 2.14
CA GLN A 26 -1.74 -20.06 1.66
C GLN A 26 -1.44 -18.57 1.87
N HIS A 27 -2.43 -17.68 1.74
CA HIS A 27 -2.20 -16.24 1.77
C HIS A 27 -3.16 -15.57 2.75
N PRO A 28 -2.90 -15.69 4.05
CA PRO A 28 -3.86 -15.17 5.05
C PRO A 28 -4.04 -13.66 5.00
N THR A 29 -3.16 -12.94 4.35
CA THR A 29 -3.27 -11.48 4.31
C THR A 29 -3.88 -10.93 3.03
N LYS A 30 -3.70 -11.61 1.91
CA LYS A 30 -4.08 -11.07 0.61
C LYS A 30 -5.59 -11.08 0.40
N ILE A 31 -6.07 -10.14 -0.40
CA ILE A 31 -7.49 -10.03 -0.75
C ILE A 31 -7.67 -10.72 -2.09
N PRO A 32 -8.58 -11.70 -2.22
CA PRO A 32 -8.80 -12.35 -3.51
C PRO A 32 -9.80 -11.54 -4.34
N VAL A 33 -9.38 -11.07 -5.51
CA VAL A 33 -10.21 -10.18 -6.31
C VAL A 33 -10.43 -10.78 -7.69
N ILE A 34 -11.69 -10.84 -8.11
CA ILE A 34 -12.06 -11.24 -9.48
C ILE A 34 -12.24 -9.97 -10.30
N ILE A 35 -11.49 -9.83 -11.39
CA ILE A 35 -11.51 -8.61 -12.22
C ILE A 35 -11.86 -9.01 -13.63
N GLU A 36 -13.04 -8.61 -14.09
CA GLU A 36 -13.57 -9.05 -15.38
C GLU A 36 -13.95 -7.85 -16.24
N ARG A 37 -13.88 -8.06 -17.54
CA ARG A 37 -14.25 -7.02 -18.50
C ARG A 37 -15.76 -6.89 -18.60
N TYR A 38 -16.23 -5.65 -18.59
CA TYR A 38 -17.64 -5.40 -18.86
C TYR A 38 -18.02 -6.03 -20.19
N LYS A 39 -19.16 -6.72 -20.23
CA LYS A 39 -19.51 -7.55 -21.38
C LYS A 39 -19.70 -6.72 -22.66
N GLY A 40 -20.06 -5.46 -22.52
CA GLY A 40 -20.20 -4.55 -23.64
C GLY A 40 -18.97 -3.75 -23.98
N GLU A 41 -17.85 -3.98 -23.30
CA GLU A 41 -16.64 -3.25 -23.61
C GLU A 41 -16.10 -3.67 -24.97
N LYS A 42 -15.78 -2.70 -25.81
CA LYS A 42 -15.20 -2.98 -27.09
C LYS A 42 -13.93 -2.16 -27.33
N GLN A 43 -13.52 -1.34 -26.38
CA GLN A 43 -12.50 -0.33 -26.58
C GLN A 43 -11.20 -0.62 -25.83
N LEU A 44 -11.30 -0.95 -24.55
CA LEU A 44 -10.14 -1.36 -23.78
C LEU A 44 -9.62 -2.72 -24.25
N PRO A 45 -8.30 -2.94 -24.19
CA PRO A 45 -7.77 -4.29 -24.39
C PRO A 45 -8.36 -5.23 -23.35
N VAL A 46 -8.36 -6.51 -23.67
CA VAL A 46 -8.80 -7.51 -22.71
C VAL A 46 -7.62 -7.90 -21.84
N LEU A 47 -7.81 -7.79 -20.52
CA LEU A 47 -6.82 -8.25 -19.58
C LEU A 47 -6.63 -9.76 -19.75
N ASP A 48 -5.38 -10.21 -19.68
CA ASP A 48 -5.05 -11.62 -19.90
C ASP A 48 -5.45 -12.52 -18.74
N LYS A 49 -5.59 -11.96 -17.53
CA LYS A 49 -5.87 -12.71 -16.32
C LYS A 49 -7.02 -12.07 -15.56
N THR A 50 -7.71 -12.89 -14.77
CA THR A 50 -8.94 -12.51 -14.11
C THR A 50 -8.87 -12.59 -12.59
N LYS A 51 -7.93 -13.32 -12.05
CA LYS A 51 -7.87 -13.63 -10.62
C LYS A 51 -6.62 -13.01 -10.04
N PHE A 52 -6.80 -12.08 -9.10
CA PHE A 52 -5.70 -11.29 -8.56
C PHE A 52 -5.67 -11.42 -7.04
N LEU A 53 -4.50 -11.69 -6.47
CA LEU A 53 -4.30 -11.64 -5.03
C LEU A 53 -3.64 -10.30 -4.70
N VAL A 54 -4.32 -9.47 -3.92
CA VAL A 54 -3.93 -8.07 -3.72
C VAL A 54 -3.60 -7.87 -2.27
N PRO A 55 -2.40 -7.33 -1.92
CA PRO A 55 -2.09 -7.05 -0.52
C PRO A 55 -3.13 -6.15 0.11
N ASP A 56 -3.37 -6.36 1.41
CA ASP A 56 -4.46 -5.66 2.08
C ASP A 56 -4.11 -4.21 2.43
N HIS A 57 -2.94 -3.72 2.05
CA HIS A 57 -2.59 -2.32 2.28
C HIS A 57 -2.69 -1.49 1.01
N VAL A 58 -3.15 -2.06 -0.09
CA VAL A 58 -3.27 -1.31 -1.34
C VAL A 58 -4.60 -0.58 -1.33
N ASN A 59 -4.67 0.59 -1.97
CA ASN A 59 -5.96 1.27 -2.07
C ASN A 59 -6.48 1.19 -3.51
N MET A 60 -7.74 1.60 -3.70
CA MET A 60 -8.36 1.49 -5.02
C MET A 60 -7.57 2.25 -6.07
N SER A 61 -7.13 3.47 -5.74
CA SER A 61 -6.30 4.25 -6.66
C SER A 61 -5.10 3.43 -7.12
N GLU A 62 -4.37 2.84 -6.17
CA GLU A 62 -3.20 2.04 -6.54
C GLU A 62 -3.59 0.84 -7.40
N LEU A 63 -4.69 0.15 -7.06
CA LEU A 63 -5.13 -0.99 -7.87
C LEU A 63 -5.49 -0.56 -9.28
N ILE A 64 -6.11 0.62 -9.42
CA ILE A 64 -6.47 1.15 -10.73
C ILE A 64 -5.23 1.36 -11.57
N LYS A 65 -4.19 1.97 -10.98
CA LYS A 65 -2.94 2.19 -11.71
C LYS A 65 -2.29 0.86 -12.09
N ILE A 66 -2.38 -0.12 -11.21
CA ILE A 66 -1.76 -1.42 -11.47
C ILE A 66 -2.41 -2.08 -12.68
N ILE A 67 -3.75 -2.06 -12.75
CA ILE A 67 -4.47 -2.67 -13.88
C ILE A 67 -4.24 -1.87 -15.16
N ARG A 68 -4.24 -0.53 -15.07
CA ARG A 68 -4.00 0.27 -16.27
C ARG A 68 -2.63 -0.04 -16.85
N ARG A 69 -1.62 -0.19 -15.99
CA ARG A 69 -0.28 -0.53 -16.46
C ARG A 69 -0.27 -1.93 -17.08
N ARG A 70 -0.99 -2.87 -16.49
CA ARG A 70 -1.07 -4.20 -17.09
C ARG A 70 -1.76 -4.16 -18.44
N LEU A 71 -2.77 -3.29 -18.60
CA LEU A 71 -3.35 -3.11 -19.92
C LEU A 71 -2.51 -2.21 -20.81
N GLN A 72 -1.43 -1.63 -20.27
CA GLN A 72 -0.56 -0.74 -21.02
C GLN A 72 -1.35 0.40 -21.65
N LEU A 73 -2.35 0.88 -20.93
CA LEU A 73 -3.13 2.01 -21.39
C LEU A 73 -2.25 3.24 -21.48
N ASN A 74 -2.56 4.11 -22.44
CA ASN A 74 -1.95 5.42 -22.42
C ASN A 74 -2.68 6.30 -21.40
N ALA A 75 -2.00 7.36 -20.96
CA ALA A 75 -2.58 8.23 -19.96
C ALA A 75 -3.92 8.83 -20.41
N ASN A 76 -4.11 8.94 -21.74
CA ASN A 76 -5.33 9.52 -22.28
C ASN A 76 -6.51 8.55 -22.33
N GLN A 77 -6.26 7.23 -22.31
CA GLN A 77 -7.35 6.27 -22.41
C GLN A 77 -8.15 6.21 -21.13
N ALA A 78 -9.46 6.02 -21.27
CA ALA A 78 -10.38 5.97 -20.14
C ALA A 78 -10.39 4.57 -19.51
N PHE A 79 -10.57 4.52 -18.19
CA PHE A 79 -10.60 3.24 -17.48
C PHE A 79 -11.32 3.40 -16.16
N PHE A 80 -12.41 2.64 -15.99
CA PHE A 80 -13.13 2.56 -14.71
C PHE A 80 -13.12 1.13 -14.21
N LEU A 81 -13.07 1.00 -12.88
CA LEU A 81 -13.08 -0.28 -12.17
C LEU A 81 -14.27 -0.25 -11.23
N LEU A 82 -15.36 -0.94 -11.57
CA LEU A 82 -16.60 -0.90 -10.82
C LEU A 82 -16.69 -2.09 -9.87
N VAL A 83 -16.77 -1.80 -8.58
CA VAL A 83 -16.84 -2.85 -7.56
C VAL A 83 -18.24 -3.40 -7.56
N ASN A 84 -18.35 -4.71 -7.77
CA ASN A 84 -19.61 -5.41 -7.91
C ASN A 84 -20.31 -5.05 -9.21
N GLY A 85 -19.59 -4.44 -10.15
CA GLY A 85 -20.12 -4.04 -11.43
C GLY A 85 -20.98 -2.79 -11.40
N HIS A 86 -21.25 -2.23 -10.22
CA HIS A 86 -22.09 -1.06 -10.13
C HIS A 86 -21.54 -0.02 -9.16
N SER A 87 -21.09 -0.46 -7.99
CA SER A 87 -20.68 0.50 -6.97
C SER A 87 -19.42 1.23 -7.37
N MET A 88 -19.48 2.56 -7.36
CA MET A 88 -18.28 3.36 -7.56
C MET A 88 -17.87 3.72 -6.15
N VAL A 89 -16.77 3.19 -5.72
CA VAL A 89 -16.24 3.46 -4.39
C VAL A 89 -15.15 4.50 -4.54
N SER A 90 -14.89 5.26 -3.49
CA SER A 90 -13.87 6.29 -3.55
C SER A 90 -12.50 5.65 -3.84
N VAL A 91 -11.73 6.27 -4.73
CA VAL A 91 -10.43 5.72 -5.11
C VAL A 91 -9.43 5.74 -3.95
N SER A 92 -9.62 6.60 -2.97
CA SER A 92 -8.81 6.63 -1.77
C SER A 92 -9.05 5.43 -0.82
N THR A 93 -10.20 4.74 -0.93
CA THR A 93 -10.53 3.64 -0.01
C THR A 93 -9.51 2.49 -0.01
N PRO A 94 -9.02 2.05 1.15
CA PRO A 94 -8.13 0.89 1.17
C PRO A 94 -8.91 -0.35 0.73
N ILE A 95 -8.23 -1.24 0.04
CA ILE A 95 -8.88 -2.46 -0.46
C ILE A 95 -9.44 -3.30 0.67
N SER A 96 -8.79 -3.31 1.84
CA SER A 96 -9.34 -4.05 2.97
C SER A 96 -10.70 -3.52 3.36
N GLU A 97 -10.91 -2.19 3.25
CA GLU A 97 -12.21 -1.61 3.55
C GLU A 97 -13.21 -1.97 2.45
N VAL A 98 -12.79 -1.88 1.18
CA VAL A 98 -13.67 -2.37 0.11
C VAL A 98 -14.04 -3.83 0.36
N TYR A 99 -13.05 -4.67 0.66
CA TYR A 99 -13.35 -6.07 0.94
C TYR A 99 -14.37 -6.21 2.05
N GLU A 100 -14.18 -5.46 3.15
CA GLU A 100 -15.03 -5.67 4.32
C GLU A 100 -16.48 -5.34 4.03
N SER A 101 -16.72 -4.33 3.20
CA SER A 101 -18.07 -3.89 2.97
C SER A 101 -18.66 -4.38 1.65
N GLU A 102 -17.85 -4.81 0.70
CA GLU A 102 -18.37 -5.10 -0.64
C GLU A 102 -18.10 -6.52 -1.10
N ARG A 103 -17.37 -7.31 -0.32
CA ARG A 103 -17.14 -8.71 -0.66
C ARG A 103 -18.46 -9.43 -0.88
N ASP A 104 -18.41 -10.40 -1.76
CA ASP A 104 -19.52 -11.28 -2.00
C ASP A 104 -19.65 -12.29 -0.87
N GLU A 105 -20.87 -12.82 -0.76
CA GLU A 105 -21.19 -13.92 0.14
C GLU A 105 -20.24 -15.10 -0.03
N ASP A 106 -19.74 -15.34 -1.24
CA ASP A 106 -18.78 -16.40 -1.36
C ASP A 106 -17.41 -16.05 -0.80
N GLY A 107 -17.17 -14.79 -0.38
CA GLY A 107 -15.87 -14.37 0.11
C GLY A 107 -14.91 -13.76 -0.92
N PHE A 108 -15.27 -13.76 -2.22
CA PHE A 108 -14.48 -13.05 -3.23
C PHE A 108 -14.95 -11.60 -3.35
N LEU A 109 -14.05 -10.75 -3.84
CA LEU A 109 -14.38 -9.36 -4.15
C LEU A 109 -14.43 -9.23 -5.66
N TYR A 110 -15.58 -8.80 -6.19
CA TYR A 110 -15.84 -8.78 -7.63
C TYR A 110 -15.73 -7.35 -8.17
N MET A 111 -15.01 -7.19 -9.29
CA MET A 111 -14.91 -5.93 -10.00
C MET A 111 -15.05 -6.16 -11.49
N VAL A 112 -15.55 -5.14 -12.18
CA VAL A 112 -15.70 -5.12 -13.62
C VAL A 112 -15.03 -3.84 -14.14
N TYR A 113 -14.27 -3.96 -15.23
CA TYR A 113 -13.62 -2.77 -15.78
C TYR A 113 -14.21 -2.42 -17.14
N ALA A 114 -14.15 -1.14 -17.48
CA ALA A 114 -14.74 -0.62 -18.72
C ALA A 114 -14.23 0.79 -18.94
N SER A 115 -14.73 1.41 -20.03
CA SER A 115 -14.41 2.79 -20.38
C SER A 115 -15.46 3.79 -19.88
N GLN A 116 -16.53 3.33 -19.25
CA GLN A 116 -17.65 4.19 -18.89
C GLN A 116 -18.00 4.09 -17.40
N GLU A 117 -18.81 5.03 -16.94
CA GLU A 117 -19.23 5.10 -15.55
C GLU A 117 -20.40 4.15 -15.27
N GLU B 4 20.33 5.39 -5.04
CA GLU B 4 19.06 5.91 -5.56
C GLU B 4 18.01 4.80 -5.78
N LYS B 5 17.99 3.81 -4.88
CA LYS B 5 17.09 2.68 -4.93
C LYS B 5 16.36 2.53 -3.60
N THR B 6 15.08 2.20 -3.64
CA THR B 6 14.35 2.11 -2.38
C THR B 6 14.77 0.87 -1.60
N PHE B 7 14.33 0.81 -0.34
CA PHE B 7 14.62 -0.32 0.53
C PHE B 7 14.14 -1.63 -0.08
N LYS B 8 12.90 -1.66 -0.58
CA LYS B 8 12.38 -2.86 -1.20
C LYS B 8 13.15 -3.25 -2.46
N GLN B 9 13.82 -2.31 -3.11
CA GLN B 9 14.55 -2.61 -4.34
C GLN B 9 15.92 -3.22 -4.08
N ARG B 10 16.49 -2.99 -2.91
CA ARG B 10 17.83 -3.49 -2.61
C ARG B 10 17.81 -4.62 -1.60
N ARG B 11 16.65 -5.04 -1.11
CA ARG B 11 16.55 -6.21 -0.23
C ARG B 11 15.33 -7.03 -0.62
N SER B 12 15.54 -8.33 -0.75
CA SER B 12 14.47 -9.22 -1.15
C SER B 12 13.43 -9.31 -0.04
N PHE B 13 12.25 -9.80 -0.42
CA PHE B 13 11.18 -10.04 0.55
C PHE B 13 11.63 -10.95 1.68
N GLU B 14 12.30 -12.06 1.34
CA GLU B 14 12.74 -13.00 2.37
C GLU B 14 13.77 -12.35 3.28
N GLN B 15 14.72 -11.60 2.71
CA GLN B 15 15.69 -10.91 3.56
C GLN B 15 15.01 -9.89 4.45
N ARG B 16 13.92 -9.28 3.98
CA ARG B 16 13.22 -8.29 4.77
C ARG B 16 12.43 -8.95 5.89
N VAL B 17 11.78 -10.08 5.62
CA VAL B 17 11.12 -10.86 6.67
C VAL B 17 12.13 -11.21 7.77
N GLU B 18 13.34 -11.61 7.36
CA GLU B 18 14.36 -12.00 8.33
C GLU B 18 14.84 -10.82 9.15
N ASP B 19 15.03 -9.66 8.52
CA ASP B 19 15.34 -8.43 9.25
C ASP B 19 14.35 -8.19 10.38
N VAL B 20 13.04 -8.26 10.08
CA VAL B 20 12.01 -8.03 11.09
C VAL B 20 12.06 -9.11 12.17
N ARG B 21 12.16 -10.38 11.76
CA ARG B 21 12.23 -11.45 12.73
C ARG B 21 13.41 -11.26 13.67
N LEU B 22 14.59 -11.01 13.09
CA LEU B 22 15.79 -10.77 13.90
C LEU B 22 15.59 -9.61 14.86
N ILE B 23 15.11 -8.47 14.35
CA ILE B 23 15.00 -7.28 15.18
C ILE B 23 13.93 -7.45 16.25
N ARG B 24 12.86 -8.17 15.94
CA ARG B 24 11.79 -8.35 16.91
C ARG B 24 12.23 -9.20 18.08
N GLU B 25 13.14 -10.14 17.82
CA GLU B 25 13.66 -11.01 18.86
C GLU B 25 14.56 -10.22 19.82
N GLN B 26 15.41 -9.36 19.26
CA GLN B 26 16.32 -8.56 20.06
C GLN B 26 15.61 -7.40 20.77
N HIS B 27 14.56 -6.83 20.17
CA HIS B 27 13.85 -5.69 20.75
C HIS B 27 12.36 -5.87 20.57
N PRO B 28 11.73 -6.70 21.41
CA PRO B 28 10.29 -6.95 21.26
C PRO B 28 9.40 -5.76 21.57
N THR B 29 9.89 -4.74 22.26
CA THR B 29 9.05 -3.58 22.55
C THR B 29 9.23 -2.44 21.54
N LYS B 30 9.77 -2.71 20.36
CA LYS B 30 10.03 -1.66 19.39
C LYS B 30 9.43 -2.03 18.05
N ILE B 31 9.18 -1.01 17.24
CA ILE B 31 8.44 -1.14 15.98
C ILE B 31 9.38 -0.82 14.83
N PRO B 32 9.53 -1.71 13.84
CA PRO B 32 10.42 -1.44 12.70
C PRO B 32 9.75 -0.56 11.65
N VAL B 33 10.42 0.52 11.26
CA VAL B 33 9.84 1.52 10.38
C VAL B 33 10.84 1.87 9.29
N ILE B 34 10.38 1.87 8.04
CA ILE B 34 11.17 2.33 6.90
C ILE B 34 10.74 3.75 6.57
N ILE B 35 11.69 4.68 6.57
CA ILE B 35 11.40 6.10 6.31
C ILE B 35 12.24 6.52 5.12
N GLU B 36 11.58 6.92 4.02
CA GLU B 36 12.26 7.26 2.78
C GLU B 36 11.69 8.57 2.22
N ARG B 37 12.51 9.24 1.42
CA ARG B 37 12.06 10.44 0.73
C ARG B 37 11.12 10.05 -0.42
N TYR B 38 10.00 10.78 -0.53
CA TYR B 38 9.08 10.59 -1.64
C TYR B 38 9.77 10.84 -2.98
N LYS B 39 9.45 10.01 -3.98
CA LYS B 39 10.13 10.08 -5.26
C LYS B 39 10.05 11.47 -5.86
N GLY B 40 8.94 12.18 -5.67
CA GLY B 40 8.80 13.51 -6.21
C GLY B 40 9.38 14.63 -5.38
N GLU B 41 9.92 14.33 -4.19
CA GLU B 41 10.55 15.33 -3.33
C GLU B 41 12.03 15.44 -3.70
N LYS B 42 12.47 16.65 -4.06
CA LYS B 42 13.86 16.88 -4.40
C LYS B 42 14.52 17.94 -3.54
N GLN B 43 13.75 18.73 -2.81
CA GLN B 43 14.31 19.88 -2.10
C GLN B 43 14.71 19.49 -0.68
N LEU B 44 13.84 18.76 0.00
CA LEU B 44 14.15 18.22 1.33
C LEU B 44 15.35 17.26 1.24
N PRO B 45 16.12 17.15 2.32
CA PRO B 45 17.30 16.27 2.30
C PRO B 45 16.93 14.78 2.33
N VAL B 46 17.90 13.99 1.90
CA VAL B 46 17.80 12.54 1.96
C VAL B 46 18.24 12.11 3.35
N LEU B 47 17.48 11.21 3.94
CA LEU B 47 17.84 10.66 5.25
C LEU B 47 19.11 9.83 5.14
N ASP B 48 20.03 10.02 6.09
CA ASP B 48 21.25 9.22 6.06
C ASP B 48 20.96 7.74 6.33
N LYS B 49 19.93 7.43 7.10
CA LYS B 49 19.64 6.03 7.40
C LYS B 49 18.17 5.78 7.16
N THR B 50 17.86 4.55 6.76
CA THR B 50 16.53 4.16 6.30
C THR B 50 15.72 3.38 7.35
N LYS B 51 16.38 2.57 8.17
CA LYS B 51 15.68 1.68 9.08
C LYS B 51 15.68 2.28 10.47
N PHE B 52 14.50 2.49 11.01
CA PHE B 52 14.33 3.07 12.34
C PHE B 52 13.60 2.06 13.20
N LEU B 53 14.07 1.88 14.42
CA LEU B 53 13.41 1.04 15.41
C LEU B 53 12.93 1.97 16.52
N VAL B 54 11.63 2.06 16.68
CA VAL B 54 10.98 3.11 17.47
C VAL B 54 10.24 2.43 18.61
N PRO B 55 10.34 2.92 19.85
CA PRO B 55 9.61 2.30 20.95
C PRO B 55 8.11 2.32 20.68
N ASP B 56 7.44 1.23 21.07
CA ASP B 56 6.06 1.05 20.65
C ASP B 56 5.08 1.91 21.42
N HIS B 57 5.51 2.78 22.33
CA HIS B 57 4.60 3.68 23.02
C HIS B 57 4.56 5.09 22.42
N VAL B 58 5.28 5.36 21.34
CA VAL B 58 5.34 6.72 20.82
C VAL B 58 4.19 6.96 19.84
N ASN B 59 3.84 8.23 19.64
CA ASN B 59 2.80 8.56 18.68
C ASN B 59 3.45 9.22 17.47
N MET B 60 2.64 9.45 16.42
CA MET B 60 3.18 9.98 15.16
C MET B 60 3.86 11.33 15.37
N SER B 61 3.28 12.19 16.23
CA SER B 61 3.90 13.48 16.49
C SER B 61 5.35 13.33 16.93
N GLU B 62 5.61 12.40 17.85
CA GLU B 62 6.97 12.19 18.36
C GLU B 62 7.89 11.62 17.27
N LEU B 63 7.37 10.73 16.43
CA LEU B 63 8.18 10.24 15.32
C LEU B 63 8.53 11.37 14.36
N ILE B 64 7.58 12.25 14.09
CA ILE B 64 7.81 13.35 13.14
C ILE B 64 8.92 14.26 13.63
N LYS B 65 8.92 14.57 14.93
CA LYS B 65 9.99 15.40 15.48
C LYS B 65 11.34 14.72 15.35
N ILE B 66 11.40 13.41 15.60
CA ILE B 66 12.66 12.67 15.46
C ILE B 66 13.20 12.82 14.04
N ILE B 67 12.33 12.66 13.04
CA ILE B 67 12.78 12.77 11.66
C ILE B 67 13.19 14.20 11.34
N ARG B 68 12.43 15.19 11.82
CA ARG B 68 12.80 16.58 11.54
C ARG B 68 14.20 16.91 12.05
N ARG B 69 14.53 16.45 13.25
CA ARG B 69 15.85 16.73 13.82
C ARG B 69 16.94 16.06 13.00
N ARG B 70 16.71 14.83 12.54
CA ARG B 70 17.73 14.16 11.75
CA ARG B 70 17.75 14.17 11.75
C ARG B 70 17.82 14.76 10.35
N LEU B 71 16.74 15.36 9.86
CA LEU B 71 16.85 16.11 8.63
C LEU B 71 17.42 17.50 8.85
N GLN B 72 17.55 17.95 10.11
CA GLN B 72 18.02 19.30 10.41
C GLN B 72 17.11 20.35 9.80
N LEU B 73 15.81 20.08 9.73
CA LEU B 73 14.86 21.04 9.18
C LEU B 73 14.71 22.22 10.11
N ASN B 74 14.64 23.42 9.54
CA ASN B 74 14.23 24.59 10.29
C ASN B 74 12.73 24.58 10.52
N ALA B 75 12.26 25.37 11.47
CA ALA B 75 10.86 25.29 11.88
C ALA B 75 9.91 25.73 10.78
N ASN B 76 10.34 26.60 9.87
CA ASN B 76 9.47 27.04 8.77
C ASN B 76 9.30 26.01 7.65
N GLN B 77 9.99 24.87 7.70
CA GLN B 77 9.92 23.89 6.61
C GLN B 77 8.78 22.89 6.86
N ALA B 78 7.83 22.86 5.93
CA ALA B 78 6.72 21.92 6.00
C ALA B 78 7.18 20.51 5.70
N PHE B 79 6.43 19.54 6.22
CA PHE B 79 6.87 18.15 6.20
C PHE B 79 5.71 17.22 6.57
N PHE B 80 5.33 16.31 5.68
CA PHE B 80 4.35 15.28 6.00
C PHE B 80 4.98 13.89 5.89
N LEU B 81 4.47 12.96 6.69
CA LEU B 81 4.86 11.56 6.68
C LEU B 81 3.64 10.81 6.15
N LEU B 82 3.72 10.24 4.96
CA LEU B 82 2.62 9.44 4.42
CA LEU B 82 2.66 9.45 4.38
C LEU B 82 2.92 7.95 4.59
N VAL B 83 2.04 7.25 5.32
CA VAL B 83 2.20 5.81 5.58
C VAL B 83 1.70 4.98 4.40
N ASN B 84 2.55 4.09 3.90
CA ASN B 84 2.33 3.30 2.69
C ASN B 84 2.24 4.20 1.46
N GLY B 85 2.78 5.39 1.53
CA GLY B 85 2.61 6.24 0.37
C GLY B 85 1.22 6.78 0.12
N HIS B 86 0.26 6.59 1.04
CA HIS B 86 -1.05 7.20 0.79
C HIS B 86 -1.80 7.61 2.06
N SER B 87 -1.41 7.14 3.25
CA SER B 87 -2.16 7.45 4.47
C SER B 87 -1.54 8.56 5.30
N MET B 88 -2.34 9.58 5.59
CA MET B 88 -1.99 10.67 6.46
C MET B 88 -2.73 10.41 7.76
N VAL B 89 -2.02 10.11 8.84
CA VAL B 89 -2.68 9.80 10.10
C VAL B 89 -2.51 10.95 11.08
N SER B 90 -3.53 11.14 11.91
CA SER B 90 -3.51 12.18 12.93
C SER B 90 -2.24 12.07 13.77
N VAL B 91 -1.64 13.22 14.12
CA VAL B 91 -0.35 13.19 14.77
C VAL B 91 -0.44 12.58 16.16
N SER B 92 -1.65 12.48 16.71
CA SER B 92 -1.82 11.89 18.01
C SER B 92 -1.87 10.38 17.95
N THR B 93 -1.84 9.76 16.75
CA THR B 93 -2.10 8.33 16.77
C THR B 93 -0.87 7.57 17.25
N PRO B 94 -1.04 6.60 18.17
CA PRO B 94 0.11 5.79 18.62
C PRO B 94 0.67 4.99 17.45
N ILE B 95 2.01 4.91 17.38
CA ILE B 95 2.63 4.13 16.30
C ILE B 95 2.20 2.66 16.32
N SER B 96 1.91 2.12 17.50
CA SER B 96 1.49 0.72 17.59
C SER B 96 0.19 0.50 16.83
N GLU B 97 -0.72 1.48 16.87
CA GLU B 97 -1.94 1.33 16.11
C GLU B 97 -1.68 1.47 14.61
N VAL B 98 -0.80 2.39 14.20
CA VAL B 98 -0.41 2.44 12.79
C VAL B 98 0.23 1.13 12.37
N TYR B 99 1.11 0.58 13.22
CA TYR B 99 1.73 -0.70 12.88
C TYR B 99 0.67 -1.77 12.64
N GLU B 100 -0.33 -1.85 13.52
CA GLU B 100 -1.30 -2.94 13.45
C GLU B 100 -2.15 -2.88 12.18
N SER B 101 -2.48 -1.68 11.71
CA SER B 101 -3.38 -1.57 10.58
C SER B 101 -2.68 -1.35 9.23
N GLU B 102 -1.43 -0.85 9.22
CA GLU B 102 -0.77 -0.44 7.98
C GLU B 102 0.52 -1.22 7.67
N ARG B 103 0.98 -2.09 8.57
CA ARG B 103 2.22 -2.85 8.35
C ARG B 103 2.18 -3.57 7.01
N ASP B 104 3.34 -3.68 6.39
CA ASP B 104 3.53 -4.43 5.15
C ASP B 104 3.56 -5.94 5.45
N GLU B 105 3.39 -6.74 4.38
CA GLU B 105 3.47 -8.20 4.51
C GLU B 105 4.82 -8.65 5.06
N ASP B 106 5.88 -7.88 4.84
CA ASP B 106 7.17 -8.30 5.37
C ASP B 106 7.35 -7.98 6.85
N GLY B 107 6.37 -7.34 7.49
CA GLY B 107 6.52 -6.90 8.87
C GLY B 107 7.04 -5.48 9.09
N PHE B 108 7.53 -4.80 8.06
CA PHE B 108 7.97 -3.41 8.20
C PHE B 108 6.79 -2.44 8.03
N LEU B 109 6.93 -1.27 8.67
CA LEU B 109 6.01 -0.15 8.50
C LEU B 109 6.70 0.88 7.61
N TYR B 110 6.09 1.19 6.48
CA TYR B 110 6.72 2.01 5.44
C TYR B 110 6.10 3.41 5.42
N MET B 111 6.94 4.44 5.33
CA MET B 111 6.47 5.81 5.26
C MET B 111 7.34 6.57 4.29
N VAL B 112 6.78 7.59 3.64
CA VAL B 112 7.53 8.46 2.75
CA VAL B 112 7.54 8.47 2.76
C VAL B 112 7.27 9.91 3.17
N TYR B 113 8.27 10.76 3.01
CA TYR B 113 8.09 12.14 3.44
C TYR B 113 8.31 13.11 2.27
N ALA B 114 7.67 14.27 2.39
CA ALA B 114 7.78 15.33 1.40
C ALA B 114 7.15 16.58 2.00
N SER B 115 7.49 17.72 1.41
CA SER B 115 6.90 18.98 1.86
C SER B 115 5.41 19.02 1.51
N GLN B 116 4.70 19.94 2.17
CA GLN B 116 3.32 20.23 1.79
C GLN B 116 3.25 20.67 0.33
N GLU B 117 4.22 21.46 -0.12
CA GLU B 117 4.18 21.93 -1.49
C GLU B 117 4.33 20.78 -2.47
N THR B 118 5.17 19.81 -2.16
CA THR B 118 5.39 18.70 -3.09
C THR B 118 4.17 17.78 -3.14
N PHE B 119 3.66 17.36 -1.97
CA PHE B 119 2.49 16.49 -1.93
C PHE B 119 1.25 17.17 -2.49
N GLY B 120 1.08 18.50 -2.29
CA GLY B 120 -0.07 19.20 -2.84
C GLY B 120 -0.02 19.29 -4.35
N THR B 121 1.18 19.23 -4.92
CA THR B 121 1.32 19.23 -6.37
C THR B 121 1.01 17.85 -6.93
N ALA B 122 1.47 16.81 -6.24
CA ALA B 122 1.22 15.44 -6.65
C ALA B 122 -0.20 15.01 -6.36
N MET B 123 -0.87 15.70 -5.43
CA MET B 123 -2.14 15.23 -4.89
C MET B 123 -3.23 15.21 -5.96
N ALA B 124 -4.02 14.12 -5.95
CA ALA B 124 -5.14 14.03 -6.87
C ALA B 124 -6.24 14.95 -6.40
N VAL B 125 -6.79 15.72 -7.34
CA VAL B 125 -7.73 16.77 -6.99
C VAL B 125 -9.12 16.39 -7.39
N GLU C 3 23.43 -2.50 6.15
CA GLU C 3 22.58 -1.38 6.53
C GLU C 3 22.32 -1.39 8.04
N GLU C 4 22.75 -0.32 8.72
CA GLU C 4 22.53 -0.25 10.15
C GLU C 4 21.10 0.21 10.43
N TRP C 5 20.69 0.05 11.68
CA TRP C 5 19.44 0.59 12.20
C TRP C 5 19.73 1.90 12.92
N VAL C 6 18.72 2.76 12.95
CA VAL C 6 18.63 3.83 13.94
C VAL C 6 17.70 3.32 15.02
N ILE C 7 18.24 3.09 16.20
CA ILE C 7 17.46 2.62 17.32
C ILE C 7 17.13 3.83 18.19
N VAL C 8 15.86 4.12 18.36
CA VAL C 8 15.38 5.25 19.13
C VAL C 8 15.10 4.78 20.54
N SER C 9 15.78 5.35 21.52
CA SER C 9 15.58 4.92 22.90
C SER C 9 14.46 5.74 23.54
N ASP C 10 13.97 5.23 24.69
CA ASP C 10 12.98 5.98 25.45
C ASP C 10 13.52 7.32 25.93
N GLU C 11 14.84 7.45 26.09
CA GLU C 11 15.43 8.71 26.54
C GLU C 11 15.40 9.77 25.45
N GLU C 12 15.68 9.39 24.19
CA GLU C 12 15.63 10.36 23.11
C GLU C 12 14.26 11.04 23.01
N ILE C 13 13.18 10.29 23.21
CA ILE C 13 11.84 10.86 23.01
C ILE C 13 11.53 11.89 24.08
N GLU C 14 11.71 11.53 25.35
CA GLU C 14 11.46 12.47 26.44
C GLU C 14 12.16 13.81 26.19
N GLU C 15 13.36 13.77 25.62
CA GLU C 15 14.07 14.97 25.22
C GLU C 15 13.67 15.36 23.81
N VAL D 1 -0.02 -28.71 -13.63
CA VAL D 1 -1.01 -27.76 -13.15
C VAL D 1 -0.46 -26.33 -13.21
N GLU D 2 -1.28 -25.41 -13.72
CA GLU D 2 -0.90 -24.01 -13.91
C GLU D 2 -1.49 -23.11 -12.84
N GLU D 3 -0.81 -22.01 -12.58
CA GLU D 3 -1.25 -21.06 -11.56
C GLU D 3 -2.53 -20.36 -11.98
N GLU D 4 -3.49 -20.31 -11.08
CA GLU D 4 -4.72 -19.59 -11.37
C GLU D 4 -4.64 -18.14 -10.93
N TRP D 5 -3.85 -17.84 -9.91
CA TRP D 5 -3.96 -16.57 -9.21
C TRP D 5 -2.72 -15.72 -9.45
N VAL D 6 -2.96 -14.51 -9.94
CA VAL D 6 -1.92 -13.51 -10.09
C VAL D 6 -1.63 -12.91 -8.73
N ILE D 7 -0.38 -12.99 -8.30
CA ILE D 7 0.04 -12.29 -7.10
C ILE D 7 0.54 -10.93 -7.53
N VAL D 8 -0.22 -9.87 -7.21
CA VAL D 8 0.25 -8.52 -7.47
C VAL D 8 1.54 -8.25 -6.69
N SER D 9 2.59 -7.82 -7.39
CA SER D 9 3.93 -7.77 -6.82
C SER D 9 4.20 -6.45 -6.11
N ASP D 10 5.23 -6.48 -5.26
CA ASP D 10 5.60 -5.25 -4.58
C ASP D 10 6.19 -4.25 -5.57
N GLU D 11 6.79 -4.74 -6.66
CA GLU D 11 7.38 -3.83 -7.63
C GLU D 11 6.32 -3.01 -8.34
N GLU D 12 5.22 -3.65 -8.76
CA GLU D 12 4.18 -2.92 -9.45
C GLU D 12 3.39 -2.03 -8.49
N ILE D 13 3.26 -2.45 -7.23
CA ILE D 13 2.64 -1.55 -6.25
C ILE D 13 3.48 -0.30 -6.06
N GLU D 14 4.81 -0.46 -5.98
CA GLU D 14 5.68 0.69 -5.74
C GLU D 14 5.72 1.60 -6.96
N GLU D 15 5.70 1.04 -8.18
CA GLU D 15 5.58 1.87 -9.38
C GLU D 15 4.29 2.70 -9.36
N ALA D 16 3.17 2.09 -8.98
CA ALA D 16 1.92 2.84 -8.88
C ALA D 16 1.97 3.87 -7.74
N ARG D 17 2.67 3.57 -6.64
CA ARG D 17 2.77 4.54 -5.54
C ARG D 17 3.69 5.70 -5.87
N GLN D 18 4.52 5.57 -6.89
CA GLN D 18 5.45 6.61 -7.27
C GLN D 18 4.94 7.50 -8.40
N LYS D 19 3.76 7.21 -8.93
CA LYS D 19 3.12 8.01 -9.98
C LYS D 19 2.11 8.98 -9.38
N ALA D 20 2.10 10.20 -9.86
CA ALA D 20 0.92 11.03 -9.65
C ALA D 20 -0.17 10.58 -10.63
N PRO D 21 -1.45 10.81 -10.31
CA PRO D 21 -1.92 11.52 -9.12
C PRO D 21 -1.94 10.62 -7.91
N LEU D 22 -1.56 11.18 -6.78
CA LEU D 22 -1.46 10.46 -5.53
C LEU D 22 -2.73 10.75 -4.73
N GLU D 23 -3.46 9.68 -4.36
CA GLU D 23 -4.62 9.80 -3.50
C GLU D 23 -4.21 9.67 -2.04
N ILE D 24 -4.68 10.61 -1.20
CA ILE D 24 -4.39 10.61 0.23
C ILE D 24 -5.67 10.29 1.00
N THR D 25 -5.65 9.18 1.73
CA THR D 25 -6.72 8.86 2.65
C THR D 25 -6.48 9.58 3.97
N GLU D 26 -7.56 10.11 4.54
CA GLU D 26 -7.53 10.87 5.82
C GLU D 26 -6.45 11.95 5.81
#